data_7M8J
#
_entry.id   7M8J
#
_cell.length_a   1.00
_cell.length_b   1.00
_cell.length_c   1.00
_cell.angle_alpha   90.00
_cell.angle_beta   90.00
_cell.angle_gamma   90.00
#
_symmetry.space_group_name_H-M   'P 1'
#
loop_
_entity.id
_entity.type
_entity.pdbx_description
1 polymer 'Spike protein S1'
2 polymer 'CM25 Fab - Heavy Chain'
3 polymer 'CM25 Fab - Light Chain'
#
loop_
_entity_poly.entity_id
_entity_poly.type
_entity_poly.pdbx_seq_one_letter_code
_entity_poly.pdbx_strand_id
1 'polypeptide(L)'
;QCVNLTTRTQLPPAYTNSFTRGVYYPDKVFRSSVLHSTQDLFLPFFSNVTWFHAIHVSGTNGTKRFDNPVLPFNDGVYFA
STEKSNIIRGWIFGTTLDSKTQSLLIVNNATNVVIKVCEFQFCNDPFLGVYYHKNNKSWMESEFRVYSSANNCTFEYVSQ
PFLMDLEGKQGNFKNLREFVFKNIDGYFKIYSKHTPINLVRDLPQGFSALEPLVDLPIGINITRFQTLLALHRSYLTPGD
SSSGWTAGAAAYYVGYL
;
A
2 'polypeptide(L)'
;VQLVQSGAEVKKPGASVKVSCKVSGYTLTELSMHWVRQAPGKGLEWMGGFDPEDGETIYAQKFQGRVTMTEDTSTDTAYM
ELSSLRSEDTAVYYCATGPAVRRGSWFDPWGQGTLVTVSS
;
H
3 'polypeptide(L)'
;VVTQPPSVSAAPGQKVTISCSGSSSNIGNNYVSWYQQLPGTAPKLLIYDNNKRPSGIPDRFSGSKSGTSATLGITGLQTG
DEADYYCGTWDSSLSAHWVFGGGTKLTVL
;
L
#
# COMPACT_ATOMS: atom_id res chain seq x y z
N GLN A 1 -12.33 -3.51 -11.06
CA GLN A 1 -11.64 -2.69 -10.03
C GLN A 1 -11.37 -1.28 -10.59
N CYS A 2 -10.12 -1.00 -10.91
CA CYS A 2 -9.74 0.23 -11.60
C CYS A 2 -10.37 1.46 -10.94
N VAL A 3 -9.86 1.74 -9.75
CA VAL A 3 -10.26 2.95 -9.04
C VAL A 3 -9.99 4.17 -9.91
N ASN A 4 -10.96 5.08 -9.94
CA ASN A 4 -11.01 6.16 -10.91
C ASN A 4 -9.98 7.25 -10.64
N LEU A 5 -8.70 6.96 -10.89
CA LEU A 5 -7.69 8.01 -10.97
C LEU A 5 -8.04 9.01 -12.07
N THR A 6 -8.31 10.25 -11.70
CA THR A 6 -8.57 11.29 -12.68
C THR A 6 -8.13 12.61 -12.08
N THR A 7 -7.95 13.61 -12.94
CA THR A 7 -7.47 14.92 -12.53
C THR A 7 -8.33 16.02 -13.09
N ARG A 8 -8.59 17.04 -12.27
CA ARG A 8 -9.37 18.19 -12.72
C ARG A 8 -8.59 19.03 -13.72
N THR A 9 -7.36 19.40 -13.35
CA THR A 9 -6.53 20.29 -14.17
C THR A 9 -6.06 19.67 -15.47
N GLN A 10 -6.25 20.41 -16.57
CA GLN A 10 -5.80 20.01 -17.91
C GLN A 10 -5.41 21.28 -18.64
N LEU A 11 -4.49 21.15 -19.58
CA LEU A 11 -3.94 22.28 -20.32
C LEU A 11 -3.87 21.97 -21.81
N PRO A 12 -3.95 22.99 -22.67
CA PRO A 12 -3.68 22.77 -24.09
C PRO A 12 -2.25 22.28 -24.29
N PRO A 13 -2.06 21.07 -24.82
CA PRO A 13 -0.70 20.53 -24.91
C PRO A 13 0.21 21.40 -25.77
N ALA A 14 1.39 21.71 -25.23
CA ALA A 14 2.39 22.40 -26.02
C ALA A 14 2.87 21.49 -27.14
N TYR A 15 3.46 22.09 -28.17
CA TYR A 15 4.03 21.31 -29.26
C TYR A 15 5.32 21.94 -29.74
N THR A 16 6.15 21.12 -30.38
CA THR A 16 7.46 21.52 -30.88
C THR A 16 7.64 20.94 -32.26
N ASN A 17 8.45 21.62 -33.08
CA ASN A 17 8.76 21.10 -34.39
C ASN A 17 9.79 19.97 -34.29
N SER A 18 9.55 18.89 -35.02
CA SER A 18 10.29 17.65 -34.90
C SER A 18 11.65 17.70 -35.60
N PHE A 19 11.95 18.78 -36.31
CA PHE A 19 13.14 18.86 -37.13
C PHE A 19 13.20 17.67 -38.07
N SER A 47 7.57 18.88 -38.75
CA SER A 47 6.14 18.97 -38.48
C SER A 47 5.87 19.19 -37.00
N ASN A 48 4.68 19.69 -36.70
CA ASN A 48 4.29 19.87 -35.30
C ASN A 48 3.95 18.53 -34.68
N VAL A 49 4.58 18.24 -33.54
CA VAL A 49 4.25 17.10 -32.71
C VAL A 49 3.78 17.59 -31.35
N THR A 50 2.71 16.99 -30.84
CA THR A 50 2.14 17.40 -29.57
C THR A 50 2.88 16.72 -28.42
N TRP A 51 3.00 17.44 -27.31
CA TRP A 51 3.77 17.01 -26.15
C TRP A 51 2.83 16.79 -24.97
N PHE A 52 2.83 15.57 -24.43
CA PHE A 52 1.95 15.22 -23.32
C PHE A 52 2.75 15.06 -22.03
N HIS A 53 2.16 15.50 -20.92
CA HIS A 53 2.63 15.17 -19.58
C HIS A 53 1.68 14.14 -18.95
N ALA A 54 2.22 13.01 -18.53
CA ALA A 54 1.39 12.00 -17.90
C ALA A 54 1.24 12.21 -16.40
N ILE A 55 2.35 12.44 -15.70
CA ILE A 55 2.40 12.65 -14.25
C ILE A 55 3.13 13.96 -14.01
N HIS A 56 2.41 14.98 -13.54
CA HIS A 56 2.96 16.32 -13.43
C HIS A 56 3.01 16.74 -11.97
N VAL A 57 4.22 17.07 -11.50
CA VAL A 57 4.44 17.43 -10.10
C VAL A 57 3.87 18.81 -9.80
N SER A 58 3.29 18.95 -8.61
CA SER A 58 2.77 20.22 -8.13
C SER A 58 3.89 21.10 -7.56
N GLY A 59 3.67 22.41 -7.59
CA GLY A 59 4.61 23.30 -6.93
C GLY A 59 4.65 23.08 -5.43
N THR A 60 3.59 22.52 -4.86
CA THR A 60 3.58 22.06 -3.48
C THR A 60 4.29 20.71 -3.34
N ASN A 61 4.63 20.07 -4.46
CA ASN A 61 5.06 18.68 -4.54
C ASN A 61 4.01 17.70 -4.05
N GLY A 62 2.81 18.16 -3.71
CA GLY A 62 1.81 17.29 -3.13
C GLY A 62 1.00 16.44 -4.09
N THR A 63 0.13 17.08 -4.87
CA THR A 63 -0.74 16.36 -5.80
C THR A 63 -0.01 15.94 -7.08
N LYS A 64 -0.52 14.88 -7.69
CA LYS A 64 -0.04 14.34 -8.95
C LYS A 64 -1.20 14.35 -9.95
N ARG A 65 -0.91 14.60 -11.22
CA ARG A 65 -1.97 14.64 -12.24
C ARG A 65 -1.94 13.38 -13.10
N PHE A 66 -2.86 12.45 -12.86
CA PHE A 66 -2.93 11.29 -13.74
C PHE A 66 -3.86 11.66 -14.89
N ASP A 67 -3.34 11.59 -16.12
CA ASP A 67 -4.18 11.78 -17.30
C ASP A 67 -3.48 11.18 -18.51
N ASN A 68 -4.12 10.23 -19.18
CA ASN A 68 -3.62 9.68 -20.44
C ASN A 68 -4.79 9.56 -21.41
N PRO A 69 -4.95 10.50 -22.34
CA PRO A 69 -6.09 10.43 -23.26
C PRO A 69 -6.01 9.23 -24.18
N VAL A 70 -7.18 8.81 -24.67
CA VAL A 70 -7.26 8.07 -25.92
C VAL A 70 -6.99 9.00 -27.08
N LEU A 71 -6.43 8.48 -28.15
CA LEU A 71 -6.06 9.27 -29.32
C LEU A 71 -6.49 8.58 -30.60
N PRO A 72 -6.73 9.33 -31.67
CA PRO A 72 -7.00 8.70 -32.97
C PRO A 72 -5.77 8.00 -33.53
N PHE A 73 -5.99 7.23 -34.59
CA PHE A 73 -4.94 6.52 -35.32
C PHE A 73 -5.12 6.74 -36.82
N ASN A 74 -4.70 7.91 -37.32
CA ASN A 74 -4.77 8.19 -38.75
C ASN A 74 -3.62 7.50 -39.49
N ASP A 75 -3.87 6.31 -40.01
CA ASP A 75 -2.90 5.57 -40.81
C ASP A 75 -1.67 5.06 -40.07
N GLY A 76 -1.08 5.88 -39.21
CA GLY A 76 0.09 5.45 -38.45
C GLY A 76 0.57 6.58 -37.56
N VAL A 77 1.39 6.21 -36.59
CA VAL A 77 1.75 7.13 -35.52
C VAL A 77 3.22 6.99 -35.18
N TYR A 78 3.86 8.12 -34.90
CA TYR A 78 5.26 8.15 -34.49
C TYR A 78 5.28 8.42 -33.00
N PHE A 79 6.04 7.63 -32.26
CA PHE A 79 6.02 7.70 -30.79
C PHE A 79 7.44 7.76 -30.28
N ALA A 80 7.71 8.69 -29.36
CA ALA A 80 9.04 8.83 -28.80
C ALA A 80 8.94 9.34 -27.37
N SER A 81 9.86 8.90 -26.53
CA SER A 81 9.92 9.36 -25.15
C SER A 81 11.33 9.19 -24.63
N THR A 82 11.66 9.94 -23.58
CA THR A 82 12.91 9.78 -22.84
C THR A 82 12.60 9.48 -21.39
N GLU A 83 13.21 8.44 -20.85
CA GLU A 83 12.69 7.81 -19.65
C GLU A 83 13.80 7.26 -18.78
N LYS A 84 13.54 7.25 -17.46
CA LYS A 84 14.47 6.78 -16.45
C LYS A 84 14.10 5.44 -15.82
N SER A 85 12.81 5.15 -15.63
CA SER A 85 12.39 4.28 -14.54
C SER A 85 11.27 3.31 -14.94
N ASN A 86 11.16 2.96 -16.22
CA ASN A 86 10.22 1.93 -16.64
C ASN A 86 8.77 2.28 -16.34
N ILE A 87 8.44 3.56 -16.30
CA ILE A 87 7.07 3.94 -16.00
C ILE A 87 6.13 3.54 -17.13
N ILE A 88 6.63 3.48 -18.36
CA ILE A 88 5.84 3.16 -19.54
C ILE A 88 6.09 1.71 -19.94
N ARG A 89 5.01 0.95 -20.13
CA ARG A 89 5.11 -0.50 -20.25
C ARG A 89 4.48 -1.07 -21.51
N GLY A 90 3.75 -0.30 -22.29
CA GLY A 90 3.12 -0.84 -23.49
C GLY A 90 1.95 0.01 -23.92
N TRP A 91 1.18 -0.55 -24.86
CA TRP A 91 0.11 0.18 -25.52
C TRP A 91 -1.07 -0.76 -25.70
N ILE A 92 -2.25 -0.20 -25.89
CA ILE A 92 -3.44 -0.94 -26.29
C ILE A 92 -4.06 -0.29 -27.52
N PHE A 93 -4.51 -1.12 -28.46
CA PHE A 93 -5.07 -0.68 -29.73
C PHE A 93 -6.39 -1.38 -29.98
N GLY A 94 -7.30 -0.67 -30.63
CA GLY A 94 -8.56 -1.26 -31.03
C GLY A 94 -9.45 -0.25 -31.72
N THR A 95 -10.77 -0.46 -31.70
CA THR A 95 -11.71 0.56 -32.18
C THR A 95 -12.61 1.05 -31.06
N THR A 96 -13.49 0.23 -30.51
CA THR A 96 -14.35 0.67 -29.42
C THR A 96 -13.70 0.45 -28.06
N LEU A 97 -12.72 -0.45 -27.99
CA LEU A 97 -12.05 -0.80 -26.73
C LEU A 97 -13.07 -1.31 -25.71
N ASP A 98 -13.87 -2.29 -26.13
CA ASP A 98 -14.77 -2.98 -25.22
C ASP A 98 -15.13 -4.32 -25.83
N SER A 99 -15.88 -5.12 -25.06
CA SER A 99 -16.17 -6.50 -25.42
C SER A 99 -16.91 -6.70 -26.75
N LYS A 100 -17.46 -5.67 -27.40
CA LYS A 100 -18.04 -5.98 -28.72
C LYS A 100 -17.01 -6.21 -29.81
N THR A 101 -15.71 -6.00 -29.57
CA THR A 101 -14.75 -6.11 -30.66
C THR A 101 -13.43 -6.64 -30.13
N GLN A 102 -12.67 -7.27 -31.03
CA GLN A 102 -11.27 -7.55 -30.77
C GLN A 102 -10.49 -6.29 -30.46
N SER A 103 -9.39 -6.47 -29.72
CA SER A 103 -8.41 -5.43 -29.48
C SER A 103 -7.06 -6.09 -29.24
N LEU A 104 -6.00 -5.33 -29.47
CA LEU A 104 -4.63 -5.83 -29.37
C LEU A 104 -3.99 -5.22 -28.13
N LEU A 105 -3.29 -6.04 -27.35
CA LEU A 105 -2.58 -5.56 -26.16
C LEU A 105 -1.12 -5.98 -26.18
N ILE A 106 -0.23 -5.03 -25.89
CA ILE A 106 1.19 -5.25 -25.74
C ILE A 106 1.62 -4.80 -24.35
N VAL A 107 2.27 -5.68 -23.61
CA VAL A 107 2.74 -5.40 -22.25
C VAL A 107 4.03 -6.15 -22.02
N ASN A 108 4.86 -5.61 -21.14
CA ASN A 108 6.30 -5.86 -21.16
C ASN A 108 6.80 -6.08 -19.74
N ASN A 109 7.13 -7.33 -19.42
CA ASN A 109 7.77 -7.62 -18.14
C ASN A 109 9.20 -7.11 -18.15
N ALA A 110 9.91 -7.32 -17.04
CA ALA A 110 11.34 -7.08 -16.99
C ALA A 110 12.10 -8.05 -17.87
N THR A 111 11.51 -9.19 -18.23
CA THR A 111 12.23 -10.23 -18.94
C THR A 111 11.59 -10.69 -20.25
N ASN A 112 10.30 -10.43 -20.48
CA ASN A 112 9.66 -10.87 -21.70
C ASN A 112 8.58 -9.87 -22.11
N VAL A 113 8.36 -9.78 -23.41
CA VAL A 113 7.15 -9.18 -23.97
C VAL A 113 6.14 -10.29 -24.19
N VAL A 114 4.86 -9.94 -24.14
CA VAL A 114 3.80 -10.83 -24.59
C VAL A 114 2.82 -10.01 -25.41
N ILE A 115 2.40 -10.57 -26.54
CA ILE A 115 1.51 -9.89 -27.48
C ILE A 115 0.29 -10.77 -27.65
N LYS A 116 -0.88 -10.17 -27.52
CA LYS A 116 -2.12 -10.91 -27.45
C LYS A 116 -3.21 -10.21 -28.22
N VAL A 117 -4.07 -11.02 -28.80
CA VAL A 117 -5.35 -10.58 -29.35
C VAL A 117 -6.36 -11.39 -28.58
N CYS A 118 -7.28 -10.70 -27.94
CA CYS A 118 -8.30 -11.36 -27.16
C CYS A 118 -9.44 -10.35 -27.17
N GLU A 119 -10.65 -10.78 -26.85
CA GLU A 119 -11.76 -9.82 -26.73
C GLU A 119 -11.82 -9.19 -25.34
N PHE A 120 -10.81 -8.38 -25.05
CA PHE A 120 -10.71 -7.73 -23.75
C PHE A 120 -11.91 -6.84 -23.43
N GLN A 121 -12.30 -6.84 -22.16
CA GLN A 121 -13.19 -5.84 -21.56
C GLN A 121 -12.32 -4.86 -20.76
N PHE A 122 -11.80 -3.82 -21.42
CA PHE A 122 -11.03 -2.82 -20.70
C PHE A 122 -11.89 -2.02 -19.72
N CYS A 123 -11.31 -1.74 -18.55
CA CYS A 123 -11.92 -0.79 -17.63
C CYS A 123 -11.60 0.64 -18.03
N ASN A 124 -12.19 1.59 -17.32
CA ASN A 124 -12.22 2.97 -17.79
C ASN A 124 -10.87 3.66 -17.65
N ASP A 125 -10.03 3.28 -16.69
CA ASP A 125 -8.68 3.85 -16.52
C ASP A 125 -7.67 2.76 -16.24
N PRO A 126 -7.23 2.05 -17.28
CA PRO A 126 -6.32 0.91 -17.05
C PRO A 126 -4.94 1.36 -16.62
N PHE A 127 -4.35 0.59 -15.70
CA PHE A 127 -2.93 0.69 -15.39
C PHE A 127 -2.47 -0.67 -14.92
N LEU A 128 -1.17 -0.92 -15.05
CA LEU A 128 -0.56 -2.16 -14.56
C LEU A 128 -0.13 -1.97 -13.11
N GLY A 129 -0.96 -2.43 -12.18
CA GLY A 129 -0.65 -2.28 -10.77
C GLY A 129 0.46 -3.22 -10.34
N VAL A 130 1.35 -2.72 -9.49
CA VAL A 130 2.43 -3.52 -8.90
C VAL A 130 2.40 -3.37 -7.38
N TYR A 131 2.61 -4.48 -6.66
CA TYR A 131 2.46 -4.49 -5.22
C TYR A 131 3.43 -5.51 -4.62
N TYR A 132 3.62 -5.41 -3.31
CA TYR A 132 4.55 -6.27 -2.56
C TYR A 132 3.87 -7.57 -2.14
N HIS A 133 4.68 -8.63 -1.95
CA HIS A 133 4.18 -9.99 -1.66
C HIS A 133 4.95 -10.62 -0.49
N LYS A 134 4.51 -10.31 0.73
CA LYS A 134 5.36 -10.40 1.91
C LYS A 134 6.03 -11.77 2.08
N ASN A 135 5.40 -12.84 1.61
CA ASN A 135 5.90 -14.16 1.99
C ASN A 135 7.26 -14.47 1.39
N ASN A 136 7.72 -13.69 0.42
CA ASN A 136 9.10 -13.70 -0.05
C ASN A 136 9.45 -12.27 -0.43
N LYS A 137 10.74 -12.03 -0.67
CA LYS A 137 11.19 -10.68 -1.02
C LYS A 137 11.02 -10.50 -2.52
N SER A 138 9.79 -10.18 -2.91
CA SER A 138 9.45 -9.94 -4.31
C SER A 138 8.45 -8.81 -4.42
N TRP A 139 8.54 -8.05 -5.52
CA TRP A 139 7.43 -7.25 -6.03
C TRP A 139 6.71 -7.98 -7.15
N MET A 140 5.38 -7.83 -7.20
CA MET A 140 4.53 -8.50 -8.18
C MET A 140 3.56 -7.51 -8.80
N GLU A 141 3.19 -7.78 -10.05
CA GLU A 141 2.25 -6.97 -10.82
C GLU A 141 1.16 -7.85 -11.41
N SER A 142 -0.04 -7.28 -11.53
CA SER A 142 -1.25 -8.03 -11.84
C SER A 142 -1.99 -7.36 -12.99
N GLU A 143 -2.32 -8.16 -14.00
CA GLU A 143 -3.02 -7.64 -15.18
C GLU A 143 -4.48 -7.28 -14.93
N PHE A 144 -5.11 -7.81 -13.89
CA PHE A 144 -6.53 -7.59 -13.69
C PHE A 144 -6.88 -6.16 -13.30
N ARG A 145 -5.92 -5.29 -13.07
CA ARG A 145 -6.20 -3.87 -12.92
C ARG A 145 -6.41 -3.15 -14.24
N VAL A 146 -6.25 -3.80 -15.39
CA VAL A 146 -6.53 -3.17 -16.67
C VAL A 146 -7.74 -3.76 -17.40
N TYR A 147 -8.06 -5.05 -17.21
CA TYR A 147 -9.29 -5.60 -17.79
C TYR A 147 -9.94 -6.54 -16.79
N SER A 148 -11.26 -6.66 -16.90
CA SER A 148 -12.01 -7.58 -16.05
C SER A 148 -12.14 -8.99 -16.61
N SER A 149 -12.27 -9.15 -17.92
CA SER A 149 -12.38 -10.49 -18.49
C SER A 149 -11.98 -10.48 -19.96
N ALA A 150 -11.71 -11.68 -20.48
CA ALA A 150 -11.42 -11.90 -21.88
C ALA A 150 -12.14 -13.14 -22.37
N ASN A 151 -12.40 -13.21 -23.68
CA ASN A 151 -13.14 -14.33 -24.25
C ASN A 151 -12.75 -14.46 -25.71
N ASN A 152 -13.05 -15.64 -26.28
CA ASN A 152 -12.92 -15.91 -27.72
C ASN A 152 -11.61 -15.32 -28.21
N CYS A 153 -10.59 -15.46 -27.39
CA CYS A 153 -9.26 -14.94 -27.68
C CYS A 153 -8.63 -15.74 -28.83
N THR A 154 -7.67 -15.13 -29.54
CA THR A 154 -7.09 -15.82 -30.69
C THR A 154 -5.56 -15.87 -30.83
N PHE A 155 -4.89 -14.72 -30.93
CA PHE A 155 -3.46 -14.65 -31.25
C PHE A 155 -2.63 -14.38 -30.00
N GLU A 156 -1.55 -15.14 -29.83
CA GLU A 156 -0.60 -14.91 -28.75
C GLU A 156 0.83 -15.20 -29.19
N TYR A 157 1.77 -14.39 -28.70
CA TYR A 157 3.18 -14.41 -29.11
C TYR A 157 4.04 -13.95 -27.93
N VAL A 158 5.29 -14.44 -27.86
CA VAL A 158 6.21 -14.06 -26.79
C VAL A 158 7.62 -13.91 -27.36
N SER A 159 8.40 -13.01 -26.75
CA SER A 159 9.73 -12.70 -27.24
C SER A 159 10.51 -11.94 -26.17
N GLN A 160 11.78 -11.67 -26.46
CA GLN A 160 12.58 -10.73 -25.69
C GLN A 160 11.96 -9.32 -25.68
N PRO A 161 12.22 -8.54 -24.65
CA PRO A 161 11.51 -7.26 -24.47
C PRO A 161 11.84 -6.25 -25.56
N PHE A 162 10.90 -5.33 -25.80
CA PHE A 162 11.16 -4.17 -26.65
C PHE A 162 11.80 -3.02 -25.87
N LEU A 163 11.28 -2.73 -24.67
CA LEU A 163 11.79 -1.62 -23.87
C LEU A 163 13.09 -2.01 -23.17
N MET A 164 14.08 -2.35 -23.98
CA MET A 164 15.42 -2.57 -23.44
C MET A 164 15.95 -1.26 -22.89
N ASP A 165 16.64 -1.34 -21.75
CA ASP A 165 17.56 -0.27 -21.38
C ASP A 165 18.70 -0.18 -22.37
N LEU A 166 19.17 1.04 -22.60
CA LEU A 166 20.40 1.23 -23.34
C LEU A 166 21.55 0.55 -22.61
N GLU A 167 22.49 0.01 -23.39
CA GLU A 167 23.56 -0.76 -22.78
C GLU A 167 24.39 0.10 -21.83
N GLY A 168 24.29 1.42 -21.94
CA GLY A 168 24.59 2.30 -20.82
C GLY A 168 24.94 3.70 -21.26
N LYS A 169 24.50 4.70 -20.50
CA LYS A 169 25.11 6.01 -20.56
C LYS A 169 25.01 6.58 -19.16
N GLN A 170 26.00 7.41 -18.79
CA GLN A 170 26.10 7.94 -17.44
C GLN A 170 25.17 9.14 -17.21
N GLY A 171 23.87 8.86 -17.28
CA GLY A 171 22.88 9.91 -17.21
C GLY A 171 22.90 10.86 -18.41
N ASN A 172 22.63 12.13 -18.13
CA ASN A 172 22.63 13.18 -19.14
C ASN A 172 21.63 12.84 -20.27
N PHE A 173 20.38 12.62 -19.87
CA PHE A 173 19.38 12.04 -20.77
C PHE A 173 19.92 10.77 -21.42
N LYS A 174 20.07 9.78 -20.54
CA LYS A 174 20.82 8.57 -20.84
C LYS A 174 20.21 7.74 -21.97
N ASN A 175 19.00 8.05 -22.43
CA ASN A 175 18.47 7.37 -23.61
C ASN A 175 17.44 8.24 -24.31
N LEU A 176 17.19 7.93 -25.58
CA LEU A 176 15.97 8.27 -26.29
C LEU A 176 15.46 7.05 -27.05
N ARG A 177 14.15 6.82 -27.02
CA ARG A 177 13.55 5.71 -27.75
C ARG A 177 12.44 6.16 -28.67
N GLU A 178 12.40 5.60 -29.88
CA GLU A 178 11.49 6.00 -30.95
C GLU A 178 10.84 4.76 -31.54
N PHE A 179 9.56 4.86 -31.89
CA PHE A 179 8.83 3.75 -32.50
C PHE A 179 7.97 4.26 -33.64
N VAL A 180 7.70 3.40 -34.62
CA VAL A 180 6.72 3.65 -35.67
C VAL A 180 5.78 2.45 -35.75
N PHE A 181 4.47 2.72 -35.80
CA PHE A 181 3.46 1.68 -35.98
C PHE A 181 2.73 1.88 -37.30
N LYS A 182 2.60 0.82 -38.09
CA LYS A 182 1.92 0.90 -39.37
C LYS A 182 1.02 -0.31 -39.52
N ASN A 183 -0.18 -0.10 -40.07
CA ASN A 183 -1.15 -1.18 -40.23
C ASN A 183 -1.79 -1.28 -41.61
N ILE A 184 -1.55 -0.32 -42.50
CA ILE A 184 -2.36 -0.21 -43.71
C ILE A 184 -2.29 -1.46 -44.58
N ASP A 185 -1.18 -2.18 -44.56
CA ASP A 185 -1.00 -3.27 -45.52
C ASP A 185 -1.77 -4.53 -45.15
N GLY A 186 -2.49 -4.54 -44.03
CA GLY A 186 -3.12 -5.74 -43.55
C GLY A 186 -2.23 -6.55 -42.64
N TYR A 187 -1.16 -5.95 -42.13
CA TYR A 187 -0.23 -6.53 -41.18
C TYR A 187 0.04 -5.44 -40.16
N PHE A 188 0.57 -5.83 -39.00
CA PHE A 188 1.01 -4.85 -38.01
C PHE A 188 2.54 -4.83 -37.97
N LYS A 189 3.12 -3.65 -38.17
CA LYS A 189 4.57 -3.51 -38.33
C LYS A 189 5.12 -2.54 -37.30
N ILE A 190 6.10 -3.00 -36.53
CA ILE A 190 6.81 -2.17 -35.56
C ILE A 190 8.16 -1.78 -36.16
N TYR A 191 8.59 -0.54 -35.91
CA TYR A 191 9.98 -0.15 -36.07
C TYR A 191 10.45 0.49 -34.78
N SER A 192 11.73 0.37 -34.46
CA SER A 192 12.23 1.02 -33.26
C SER A 192 13.72 1.28 -33.37
N LYS A 193 14.19 2.20 -32.52
CA LYS A 193 15.59 2.57 -32.46
C LYS A 193 15.88 3.00 -31.03
N HIS A 194 17.11 2.82 -30.58
CA HIS A 194 17.56 3.37 -29.31
C HIS A 194 18.85 4.15 -29.52
N THR A 195 18.96 5.32 -28.88
CA THR A 195 20.12 6.18 -29.05
C THR A 195 20.44 6.92 -27.76
N PRO A 196 21.70 7.25 -27.52
CA PRO A 196 22.04 8.30 -26.55
C PRO A 196 21.68 9.68 -27.05
N ILE A 197 21.70 10.66 -26.13
CA ILE A 197 21.35 12.03 -26.45
C ILE A 197 21.98 12.97 -25.43
N ASN A 198 21.96 14.27 -25.69
CA ASN A 198 22.51 15.28 -24.78
C ASN A 198 21.60 16.48 -24.53
N LEU A 199 20.89 16.97 -25.55
CA LEU A 199 20.13 18.21 -25.44
C LEU A 199 18.99 18.11 -24.44
N VAL A 200 18.76 19.21 -23.73
CA VAL A 200 17.72 19.27 -22.71
C VAL A 200 16.34 19.41 -23.33
N ARG A 201 15.39 18.62 -22.81
CA ARG A 201 13.95 18.86 -22.89
C ARG A 201 13.43 19.08 -24.32
N ASP A 202 14.16 18.73 -25.36
CA ASP A 202 13.64 18.95 -26.70
C ASP A 202 14.19 17.89 -27.65
N LEU A 203 13.48 17.70 -28.76
CA LEU A 203 13.92 16.74 -29.76
C LEU A 203 15.13 17.29 -30.52
N PRO A 204 16.15 16.47 -30.75
CA PRO A 204 17.43 16.98 -31.24
C PRO A 204 17.52 17.01 -32.76
N GLN A 205 18.55 17.69 -33.24
CA GLN A 205 19.14 17.41 -34.55
C GLN A 205 20.34 16.49 -34.39
N GLY A 206 20.22 15.48 -33.53
CA GLY A 206 21.37 14.71 -33.11
C GLY A 206 20.99 13.60 -32.14
N LEU A 213 10.27 -4.19 -35.03
CA LEU A 213 11.06 -5.33 -34.58
C LEU A 213 10.41 -6.61 -35.03
N VAL A 214 9.09 -6.59 -35.20
CA VAL A 214 8.31 -7.78 -35.49
C VAL A 214 7.24 -7.43 -36.51
N ASP A 215 6.79 -8.44 -37.24
CA ASP A 215 5.74 -8.28 -38.24
C ASP A 215 4.67 -9.32 -37.94
N LEU A 216 3.48 -8.85 -37.59
CA LEU A 216 2.45 -9.68 -37.01
C LEU A 216 1.25 -9.76 -37.94
N PRO A 217 0.77 -10.98 -38.33
CA PRO A 217 -0.39 -11.11 -39.22
C PRO A 217 -1.73 -10.96 -38.50
N ILE A 218 -1.85 -9.92 -37.67
CA ILE A 218 -3.09 -9.68 -36.96
C ILE A 218 -4.16 -9.25 -37.95
N GLY A 219 -5.32 -9.89 -37.87
CA GLY A 219 -6.50 -9.42 -38.57
C GLY A 219 -7.40 -8.56 -37.70
N ILE A 220 -7.26 -7.24 -37.75
CA ILE A 220 -8.03 -6.36 -36.88
C ILE A 220 -8.20 -5.00 -37.55
N ASN A 221 -9.21 -4.27 -37.10
CA ASN A 221 -9.45 -2.88 -37.49
C ASN A 221 -8.96 -1.99 -36.36
N ILE A 222 -7.99 -1.12 -36.65
CA ILE A 222 -7.43 -0.22 -35.65
C ILE A 222 -7.91 1.20 -35.94
N THR A 223 -8.43 1.87 -34.92
CA THR A 223 -8.84 3.26 -35.07
C THR A 223 -8.47 4.17 -33.91
N ARG A 224 -8.30 3.67 -32.68
CA ARG A 224 -7.88 4.48 -31.55
C ARG A 224 -6.89 3.68 -30.72
N PHE A 225 -6.07 4.40 -29.94
CA PHE A 225 -5.10 3.73 -29.08
C PHE A 225 -4.86 4.53 -27.81
N GLN A 226 -4.26 3.86 -26.83
CA GLN A 226 -3.94 4.47 -25.55
C GLN A 226 -2.71 3.80 -24.95
N THR A 227 -1.86 4.59 -24.30
CA THR A 227 -0.72 4.07 -23.56
C THR A 227 -1.12 3.74 -22.13
N LEU A 228 -0.51 2.70 -21.57
CA LEU A 228 -0.75 2.30 -20.18
C LEU A 228 0.53 2.39 -19.36
N LEU A 229 0.44 3.03 -18.20
CA LEU A 229 1.53 3.18 -17.24
C LEU A 229 1.49 2.07 -16.19
N ALA A 230 2.59 1.91 -15.46
CA ALA A 230 2.61 1.11 -14.25
C ALA A 230 2.75 1.99 -13.00
N LEU A 231 1.91 1.71 -12.00
CA LEU A 231 1.84 2.46 -10.74
C LEU A 231 2.03 1.50 -9.58
N HIS A 232 2.69 1.95 -8.52
CA HIS A 232 2.99 1.11 -7.36
C HIS A 232 2.37 1.67 -6.09
N ARG A 233 2.10 0.76 -5.14
CA ARG A 233 1.47 1.08 -3.87
C ARG A 233 2.16 0.34 -2.72
N SER A 234 2.29 1.01 -1.58
CA SER A 234 2.74 0.36 -0.36
C SER A 234 2.12 1.03 0.85
N TYR A 235 2.06 0.27 1.95
CA TYR A 235 1.44 0.71 3.21
C TYR A 235 2.54 1.08 4.19
N LEU A 236 2.63 2.36 4.53
CA LEU A 236 3.81 2.81 5.24
C LEU A 236 3.51 3.91 6.26
N THR A 237 2.33 4.52 6.16
CA THR A 237 1.98 5.64 7.02
C THR A 237 0.53 5.52 7.48
N PRO A 238 0.24 5.77 8.75
CA PRO A 238 -1.13 5.64 9.23
C PRO A 238 -2.08 6.60 8.51
N GLY A 239 -3.31 6.14 8.33
CA GLY A 239 -4.40 6.99 7.88
C GLY A 239 -4.40 7.34 6.42
N ASP A 240 -3.51 6.76 5.61
CA ASP A 240 -3.56 7.06 4.19
C ASP A 240 -4.64 6.25 3.49
N SER A 241 -5.10 6.76 2.35
CA SER A 241 -6.17 6.12 1.61
C SER A 241 -5.67 4.86 0.91
N SER A 242 -6.62 3.96 0.61
CA SER A 242 -6.27 2.78 -0.17
C SER A 242 -5.78 3.14 -1.56
N SER A 243 -6.25 4.26 -2.11
CA SER A 243 -5.72 4.81 -3.37
C SER A 243 -4.39 5.52 -3.15
N GLY A 244 -3.41 4.76 -2.66
CA GLY A 244 -2.05 5.25 -2.51
C GLY A 244 -1.24 5.32 -3.78
N TRP A 245 -1.83 4.97 -4.93
CA TRP A 245 -1.08 4.78 -6.16
C TRP A 245 -0.30 6.04 -6.57
N THR A 246 1.00 5.88 -6.77
CA THR A 246 1.93 6.98 -6.97
C THR A 246 2.98 6.59 -8.00
N ALA A 247 3.51 7.58 -8.71
CA ALA A 247 4.62 7.34 -9.62
C ALA A 247 5.38 8.64 -9.87
N GLY A 248 6.58 8.49 -10.42
CA GLY A 248 7.36 9.62 -10.87
C GLY A 248 6.82 10.28 -12.13
N ALA A 249 7.43 11.41 -12.49
CA ALA A 249 7.07 12.15 -13.69
C ALA A 249 7.41 11.37 -14.96
N ALA A 250 6.54 11.48 -15.95
CA ALA A 250 6.69 10.78 -17.22
C ALA A 250 6.08 11.61 -18.34
N ALA A 251 6.70 11.57 -19.52
CA ALA A 251 6.28 12.38 -20.65
C ALA A 251 6.59 11.65 -21.95
N TYR A 252 5.87 12.03 -23.02
CA TYR A 252 6.11 11.43 -24.31
C TYR A 252 5.58 12.35 -25.42
N TYR A 253 6.01 12.06 -26.65
CA TYR A 253 5.66 12.83 -27.84
C TYR A 253 4.92 11.97 -28.84
N VAL A 254 4.02 12.59 -29.61
CA VAL A 254 3.22 11.87 -30.60
C VAL A 254 3.15 12.69 -31.87
N GLY A 255 3.11 12.00 -33.01
CA GLY A 255 2.87 12.65 -34.28
C GLY A 255 2.37 11.67 -35.34
N TYR A 256 1.48 12.14 -36.21
CA TYR A 256 0.77 11.26 -37.15
C TYR A 256 1.44 11.24 -38.51
N LEU A 257 1.41 10.07 -39.14
CA LEU A 257 1.97 9.92 -40.48
C LEU A 257 1.07 10.59 -41.50
N VAL B 1 -7.94 0.95 5.34
CA VAL B 1 -8.19 -0.49 5.66
C VAL B 1 -9.40 -0.58 6.60
N GLN B 2 -10.25 -1.59 6.39
CA GLN B 2 -11.37 -1.85 7.27
C GLN B 2 -11.32 -3.29 7.76
N LEU B 3 -11.72 -3.51 9.02
CA LEU B 3 -11.68 -4.84 9.62
C LEU B 3 -13.01 -5.17 10.28
N VAL B 4 -13.48 -6.41 10.10
CA VAL B 4 -14.62 -6.97 10.83
C VAL B 4 -14.26 -8.38 11.29
N GLN B 5 -14.55 -8.69 12.56
CA GLN B 5 -14.25 -10.02 13.10
C GLN B 5 -15.49 -10.67 13.73
N SER B 6 -15.48 -12.00 13.72
CA SER B 6 -16.63 -12.82 14.13
C SER B 6 -17.04 -12.58 15.57
N GLY B 7 -18.35 -12.66 15.82
CA GLY B 7 -18.94 -12.38 17.11
C GLY B 7 -18.57 -13.36 18.24
N ALA B 8 -19.11 -13.06 19.41
CA ALA B 8 -18.76 -13.72 20.66
C ALA B 8 -19.17 -15.19 20.70
N GLU B 9 -18.48 -15.95 21.55
CA GLU B 9 -18.66 -17.38 21.72
C GLU B 9 -18.75 -17.72 23.20
N VAL B 10 -19.65 -18.63 23.57
CA VAL B 10 -19.77 -19.13 24.94
C VAL B 10 -19.62 -20.64 24.94
N LYS B 11 -18.66 -21.14 25.74
CA LYS B 11 -18.27 -22.54 25.76
C LYS B 11 -17.99 -23.00 27.18
N LYS B 12 -17.85 -24.32 27.34
CA LYS B 12 -17.40 -24.95 28.57
C LYS B 12 -15.89 -25.18 28.57
N PRO B 13 -15.29 -25.30 29.76
CA PRO B 13 -13.83 -25.43 29.85
C PRO B 13 -13.28 -26.60 29.05
N GLY B 14 -12.00 -26.48 28.71
CA GLY B 14 -11.32 -27.47 27.91
C GLY B 14 -11.56 -27.39 26.42
N ALA B 15 -12.54 -26.62 25.97
CA ALA B 15 -12.78 -26.48 24.55
C ALA B 15 -11.67 -25.67 23.89
N SER B 16 -11.62 -25.78 22.57
CA SER B 16 -10.83 -24.90 21.72
C SER B 16 -11.71 -23.76 21.20
N VAL B 17 -11.08 -22.74 20.63
CA VAL B 17 -11.82 -21.65 20.02
C VAL B 17 -11.10 -21.13 18.78
N LYS B 18 -11.90 -20.63 17.85
CA LYS B 18 -11.40 -20.06 16.60
C LYS B 18 -12.19 -18.79 16.29
N VAL B 19 -11.47 -17.74 15.90
CA VAL B 19 -12.04 -16.43 15.58
C VAL B 19 -11.48 -16.00 14.24
N SER B 20 -12.23 -15.13 13.55
CA SER B 20 -11.83 -14.69 12.22
C SER B 20 -11.77 -13.17 12.16
N CYS B 21 -10.86 -12.67 11.33
CA CYS B 21 -10.74 -11.25 11.01
C CYS B 21 -10.83 -11.08 9.50
N LYS B 22 -11.82 -10.32 9.05
CA LYS B 22 -12.06 -10.09 7.63
C LYS B 22 -11.54 -8.71 7.25
N VAL B 23 -10.64 -8.67 6.28
CA VAL B 23 -9.99 -7.43 5.87
C VAL B 23 -10.57 -7.02 4.52
N SER B 24 -10.90 -5.74 4.39
CA SER B 24 -11.53 -5.25 3.18
C SER B 24 -11.02 -3.85 2.87
N GLY B 25 -11.18 -3.45 1.61
CA GLY B 25 -10.51 -2.26 1.11
C GLY B 25 -9.03 -2.41 0.91
N TYR B 26 -8.48 -3.62 1.04
CA TYR B 26 -7.06 -3.82 0.89
C TYR B 26 -6.87 -5.32 0.71
N THR B 27 -5.66 -5.72 0.30
CA THR B 27 -5.37 -7.14 0.12
C THR B 27 -4.48 -7.62 1.24
N LEU B 28 -4.83 -8.79 1.78
CA LEU B 28 -4.21 -9.29 3.00
C LEU B 28 -2.70 -9.45 2.86
N THR B 29 -2.23 -9.84 1.68
CA THR B 29 -0.82 -10.16 1.52
C THR B 29 0.12 -8.98 1.73
N GLU B 30 -0.39 -7.75 1.72
CA GLU B 30 0.46 -6.61 2.03
C GLU B 30 0.57 -6.31 3.52
N LEU B 31 -0.27 -6.90 4.37
CA LEU B 31 -0.42 -6.47 5.76
C LEU B 31 0.15 -7.50 6.72
N SER B 32 0.86 -7.01 7.74
CA SER B 32 1.17 -7.79 8.92
C SER B 32 -0.01 -7.80 9.88
N MET B 33 -0.15 -8.90 10.61
CA MET B 33 -1.34 -9.18 11.41
C MET B 33 -0.92 -9.56 12.82
N HIS B 34 -1.64 -9.04 13.82
CA HIS B 34 -1.30 -9.25 15.22
C HIS B 34 -2.58 -9.41 16.01
N TRP B 35 -2.48 -10.11 17.13
CA TRP B 35 -3.59 -10.36 18.03
C TRP B 35 -3.25 -9.86 19.43
N VAL B 36 -4.20 -9.20 20.09
CA VAL B 36 -3.96 -8.57 21.38
C VAL B 36 -5.19 -8.77 22.24
N ARG B 37 -4.97 -8.94 23.54
CA ARG B 37 -5.99 -9.41 24.47
C ARG B 37 -6.12 -8.44 25.63
N GLN B 38 -7.35 -8.26 26.12
CA GLN B 38 -7.61 -7.48 27.33
C GLN B 38 -8.53 -8.24 28.26
N ALA B 39 -8.02 -8.64 29.42
CA ALA B 39 -8.88 -9.18 30.47
C ALA B 39 -9.59 -8.04 31.21
N PRO B 40 -10.70 -8.34 31.88
CA PRO B 40 -11.48 -7.27 32.52
C PRO B 40 -10.68 -6.38 33.47
N GLY B 41 -10.68 -5.09 33.18
CA GLY B 41 -9.98 -4.10 33.98
C GLY B 41 -8.46 -4.15 33.91
N LYS B 42 -7.89 -5.06 33.15
CA LYS B 42 -6.45 -5.21 33.08
C LYS B 42 -5.89 -4.41 31.91
N GLY B 43 -4.56 -4.33 31.85
CA GLY B 43 -3.91 -3.80 30.67
C GLY B 43 -3.93 -4.76 29.50
N LEU B 44 -3.52 -4.22 28.36
CA LEU B 44 -3.44 -5.00 27.14
C LEU B 44 -2.30 -6.02 27.22
N GLU B 45 -2.54 -7.21 26.67
CA GLU B 45 -1.56 -8.29 26.65
C GLU B 45 -1.43 -8.75 25.21
N TRP B 46 -0.23 -8.64 24.64
CA TRP B 46 0.00 -9.04 23.25
C TRP B 46 0.09 -10.56 23.22
N MET B 47 -0.55 -11.21 22.25
CA MET B 47 -0.48 -12.67 22.18
C MET B 47 0.52 -13.20 21.16
N GLY B 48 0.81 -12.46 20.10
CA GLY B 48 1.68 -12.96 19.05
C GLY B 48 1.33 -12.34 17.71
N GLY B 49 2.14 -12.68 16.71
CA GLY B 49 1.90 -12.20 15.37
C GLY B 49 3.11 -12.38 14.47
N PHE B 50 2.95 -11.91 13.24
CA PHE B 50 4.01 -11.97 12.24
C PHE B 50 5.11 -10.95 12.54
N ASP B 51 6.36 -11.35 12.34
CA ASP B 51 7.52 -10.47 12.48
C ASP B 51 8.19 -10.27 11.12
N PRO B 52 8.25 -9.05 10.59
CA PRO B 52 8.88 -8.83 9.28
C PRO B 52 10.32 -9.33 9.17
N GLU B 53 11.10 -9.25 10.25
CA GLU B 53 12.50 -9.67 10.20
C GLU B 53 12.68 -11.17 9.99
N ASP B 54 11.69 -11.98 10.35
CA ASP B 54 11.80 -13.43 10.20
C ASP B 54 11.03 -13.99 9.02
N GLY B 55 10.06 -13.26 8.49
CA GLY B 55 9.17 -13.83 7.50
C GLY B 55 8.33 -14.96 8.04
N GLU B 56 8.03 -14.93 9.34
CA GLU B 56 7.42 -16.04 10.04
C GLU B 56 6.56 -15.46 11.16
N THR B 57 5.58 -16.26 11.59
CA THR B 57 4.79 -15.91 12.76
C THR B 57 5.62 -16.11 14.03
N ILE B 58 5.39 -15.24 15.00
CA ILE B 58 6.07 -15.28 16.30
C ILE B 58 5.00 -15.35 17.37
N TYR B 59 5.26 -16.15 18.40
CA TYR B 59 4.32 -16.35 19.50
C TYR B 59 4.83 -15.75 20.81
N ALA B 60 3.88 -15.26 21.60
CA ALA B 60 4.15 -14.74 22.93
C ALA B 60 4.58 -15.82 23.91
N GLN B 61 5.54 -15.48 24.76
CA GLN B 61 6.25 -16.48 25.55
C GLN B 61 5.31 -17.34 26.38
N LYS B 62 4.31 -16.73 27.00
CA LYS B 62 3.47 -17.51 27.90
C LYS B 62 2.55 -18.50 27.14
N PHE B 63 2.19 -18.20 25.89
CA PHE B 63 1.29 -19.03 25.08
C PHE B 63 1.89 -20.13 24.19
N GLN B 64 3.21 -20.21 23.98
CA GLN B 64 3.73 -20.86 22.75
C GLN B 64 2.95 -22.07 22.27
N GLY B 65 2.65 -23.01 23.18
CA GLY B 65 2.02 -24.25 22.77
C GLY B 65 0.54 -24.16 22.46
N ARG B 66 -0.14 -23.14 22.96
CA ARG B 66 -1.59 -23.16 23.01
C ARG B 66 -2.24 -22.56 21.78
N VAL B 67 -1.49 -21.86 20.92
CA VAL B 67 -2.07 -20.92 19.97
C VAL B 67 -1.63 -21.31 18.57
N THR B 68 -2.51 -21.09 17.60
CA THR B 68 -2.19 -21.32 16.20
C THR B 68 -2.77 -20.18 15.36
N MET B 69 -2.13 -19.91 14.23
CA MET B 69 -2.55 -18.86 13.33
C MET B 69 -2.53 -19.38 11.89
N THR B 70 -3.54 -19.01 11.11
CA THR B 70 -3.68 -19.48 9.75
C THR B 70 -4.40 -18.42 8.93
N GLU B 71 -4.39 -18.60 7.61
CA GLU B 71 -5.03 -17.69 6.68
C GLU B 71 -5.84 -18.47 5.65
N ASP B 72 -6.96 -17.88 5.23
CA ASP B 72 -7.58 -18.21 3.95
C ASP B 72 -7.27 -17.08 2.98
N THR B 73 -6.12 -17.18 2.30
CA THR B 73 -5.76 -16.18 1.30
C THR B 73 -6.68 -16.21 0.09
N SER B 74 -7.62 -17.16 0.01
CA SER B 74 -8.64 -17.12 -1.02
C SER B 74 -9.80 -16.22 -0.66
N THR B 75 -10.03 -15.98 0.63
CA THR B 75 -11.12 -15.11 1.09
C THR B 75 -10.60 -14.06 2.05
N ASP B 76 -9.29 -13.81 2.02
CA ASP B 76 -8.61 -12.81 2.84
C ASP B 76 -9.24 -12.69 4.23
N THR B 77 -9.41 -13.84 4.88
CA THR B 77 -9.67 -13.92 6.31
C THR B 77 -8.43 -14.45 6.99
N ALA B 78 -8.00 -13.78 8.06
CA ALA B 78 -7.10 -14.39 9.02
C ALA B 78 -7.87 -15.15 10.09
N TYR B 79 -7.26 -16.21 10.59
CA TYR B 79 -7.83 -17.01 11.67
C TYR B 79 -6.82 -17.11 12.79
N MET B 80 -7.33 -17.16 14.01
CA MET B 80 -6.55 -17.50 15.19
C MET B 80 -7.33 -18.56 15.96
N GLU B 81 -6.64 -19.57 16.46
CA GLU B 81 -7.27 -20.68 17.15
C GLU B 81 -6.53 -21.01 18.44
N LEU B 82 -7.30 -21.34 19.47
CA LEU B 82 -6.80 -21.54 20.83
C LEU B 82 -7.34 -22.85 21.38
N SER B 83 -6.47 -23.63 22.01
CA SER B 83 -6.85 -24.89 22.62
C SER B 83 -7.16 -24.69 24.10
N SER B 84 -7.73 -25.74 24.70
CA SER B 84 -7.65 -25.99 26.14
C SER B 84 -8.13 -24.77 26.93
N LEU B 85 -9.32 -24.31 26.58
CA LEU B 85 -9.85 -23.10 27.21
C LEU B 85 -9.97 -23.31 28.71
N ARG B 86 -9.83 -22.23 29.46
CA ARG B 86 -10.16 -22.22 30.89
C ARG B 86 -10.74 -20.86 31.24
N SER B 87 -11.34 -20.77 32.43
CA SER B 87 -12.08 -19.58 32.82
C SER B 87 -11.24 -18.31 32.80
N GLU B 88 -9.96 -18.39 33.17
CA GLU B 88 -9.13 -17.19 33.06
C GLU B 88 -8.75 -16.81 31.63
N ASP B 89 -9.15 -17.60 30.63
CA ASP B 89 -9.07 -17.16 29.24
C ASP B 89 -10.16 -16.17 28.85
N THR B 90 -11.16 -15.93 29.69
CA THR B 90 -12.25 -15.03 29.32
C THR B 90 -11.77 -13.59 29.22
N ALA B 91 -11.95 -12.99 28.04
CA ALA B 91 -11.36 -11.70 27.71
C ALA B 91 -11.99 -11.20 26.41
N VAL B 92 -11.64 -9.98 26.03
CA VAL B 92 -11.92 -9.45 24.70
C VAL B 92 -10.66 -9.49 23.86
N TYR B 93 -10.78 -10.01 22.63
CA TYR B 93 -9.65 -10.22 21.74
C TYR B 93 -9.77 -9.28 20.54
N TYR B 94 -8.70 -8.56 20.23
CA TYR B 94 -8.72 -7.58 19.14
C TYR B 94 -7.79 -8.01 18.01
N CYS B 95 -8.22 -7.71 16.79
CA CYS B 95 -7.43 -7.85 15.58
C CYS B 95 -6.81 -6.51 15.22
N ALA B 96 -5.50 -6.49 14.92
CA ALA B 96 -4.82 -5.26 14.56
C ALA B 96 -3.73 -5.54 13.54
N THR B 97 -3.36 -4.51 12.79
CA THR B 97 -2.46 -4.66 11.65
C THR B 97 -1.46 -3.51 11.60
N GLY B 98 -0.35 -3.75 10.90
CA GLY B 98 0.69 -2.76 10.75
C GLY B 98 1.50 -2.94 9.48
N PRO B 99 2.54 -2.13 9.32
CA PRO B 99 3.40 -2.24 8.13
C PRO B 99 4.09 -3.60 8.03
N ALA B 100 4.45 -3.96 6.81
CA ALA B 100 5.07 -5.26 6.52
C ALA B 100 6.46 -5.17 5.88
N VAL B 101 6.77 -4.11 5.14
CA VAL B 101 8.11 -3.99 4.57
C VAL B 101 9.16 -3.64 5.62
N ARG B 102 8.78 -3.02 6.74
CA ARG B 102 9.72 -2.72 7.81
C ARG B 102 9.01 -2.93 9.14
N ARG B 103 9.82 -3.12 10.19
CA ARG B 103 9.30 -3.20 11.55
C ARG B 103 8.69 -1.87 11.96
N GLY B 104 7.37 -1.80 11.99
CA GLY B 104 6.70 -0.57 12.37
C GLY B 104 6.58 -0.42 13.87
N SER B 105 6.40 0.83 14.30
CA SER B 105 6.21 1.14 15.71
C SER B 105 4.74 1.23 16.13
N TRP B 106 3.81 0.79 15.29
CA TRP B 106 2.40 1.11 15.53
C TRP B 106 1.49 0.05 14.91
N PHE B 107 0.28 -0.02 15.45
CA PHE B 107 -0.85 -0.75 14.85
C PHE B 107 -1.99 0.23 14.66
N ASP B 108 -2.40 0.45 13.42
CA ASP B 108 -3.29 1.60 13.23
C ASP B 108 -4.77 1.23 13.31
N PRO B 109 -5.33 0.44 12.38
CA PRO B 109 -6.73 0.04 12.55
C PRO B 109 -6.92 -1.13 13.49
N TRP B 110 -7.89 -1.02 14.38
CA TRP B 110 -8.25 -2.07 15.32
C TRP B 110 -9.69 -2.50 15.10
N GLY B 111 -9.94 -3.79 15.17
CA GLY B 111 -11.30 -4.28 15.10
C GLY B 111 -12.11 -3.86 16.30
N GLN B 112 -13.43 -4.10 16.23
CA GLN B 112 -14.32 -3.71 17.31
C GLN B 112 -14.21 -4.62 18.53
N GLY B 113 -13.36 -5.63 18.50
CA GLY B 113 -13.24 -6.57 19.60
C GLY B 113 -14.38 -7.58 19.65
N THR B 114 -14.08 -8.72 20.27
CA THR B 114 -15.08 -9.75 20.53
C THR B 114 -14.80 -10.39 21.88
N LEU B 115 -15.87 -10.73 22.60
CA LEU B 115 -15.79 -11.19 23.97
C LEU B 115 -16.03 -12.69 24.02
N VAL B 116 -15.10 -13.43 24.61
CA VAL B 116 -15.23 -14.88 24.81
C VAL B 116 -15.44 -15.13 26.29
N THR B 117 -16.51 -15.87 26.61
CA THR B 117 -16.86 -16.21 27.99
C THR B 117 -17.02 -17.72 28.13
N VAL B 118 -16.55 -18.26 29.25
CA VAL B 118 -16.61 -19.70 29.50
C VAL B 118 -16.85 -19.91 31.00
N SER B 119 -17.84 -20.75 31.31
CA SER B 119 -18.39 -20.80 32.66
C SER B 119 -19.02 -22.17 32.88
N SER B 120 -19.22 -22.49 34.16
CA SER B 120 -19.86 -23.74 34.56
C SER B 120 -19.36 -24.92 33.74
N VAL C 1 9.24 -5.65 32.56
CA VAL C 1 8.03 -4.82 32.26
C VAL C 1 8.35 -3.35 32.46
N VAL C 2 7.85 -2.52 31.58
CA VAL C 2 8.00 -1.07 31.68
C VAL C 2 7.00 -0.54 32.70
N THR C 3 7.45 0.37 33.56
CA THR C 3 6.63 0.89 34.64
C THR C 3 5.80 2.08 34.18
N GLN C 4 4.69 2.31 34.88
CA GLN C 4 3.90 3.52 34.68
C GLN C 4 3.27 3.92 36.00
N PRO C 5 3.02 5.22 36.24
CA PRO C 5 2.26 5.62 37.42
C PRO C 5 0.81 5.20 37.31
N PRO C 6 0.14 4.94 38.43
CA PRO C 6 -1.26 4.50 38.36
C PRO C 6 -2.24 5.59 37.94
N SER C 7 -2.08 6.82 38.43
CA SER C 7 -3.09 7.85 38.19
C SER C 7 -2.46 9.24 38.22
N VAL C 8 -3.11 10.18 37.52
CA VAL C 8 -2.73 11.59 37.56
C VAL C 8 -4.01 12.43 37.63
N SER C 9 -3.89 13.62 38.21
CA SER C 9 -5.04 14.43 38.57
C SER C 9 -4.78 15.91 38.30
N ALA C 10 -5.77 16.59 37.72
CA ALA C 10 -5.71 18.04 37.56
C ALA C 10 -7.10 18.57 37.26
N ALA C 11 -7.25 19.91 37.32
CA ALA C 11 -8.40 20.65 36.84
C ALA C 11 -8.22 21.02 35.37
N PRO C 12 -9.29 21.39 34.67
CA PRO C 12 -9.13 21.78 33.26
C PRO C 12 -8.13 22.93 33.08
N GLY C 13 -7.51 22.93 31.89
CA GLY C 13 -6.52 23.89 31.49
C GLY C 13 -5.11 23.77 32.05
N GLN C 14 -4.89 23.11 33.18
CA GLN C 14 -3.53 23.08 33.69
C GLN C 14 -2.65 22.16 32.85
N LYS C 15 -1.36 22.16 33.18
CA LYS C 15 -0.45 21.13 32.72
C LYS C 15 -0.67 19.82 33.49
N VAL C 16 -0.48 18.71 32.77
CA VAL C 16 -0.20 17.41 33.37
C VAL C 16 0.79 16.70 32.46
N THR C 17 1.48 15.70 33.03
CA THR C 17 2.40 14.89 32.27
C THR C 17 2.23 13.43 32.63
N ILE C 18 2.48 12.56 31.64
CA ILE C 18 2.46 11.12 31.83
C ILE C 18 3.87 10.61 31.58
N SER C 19 4.30 9.63 32.37
CA SER C 19 5.66 9.14 32.31
C SER C 19 5.70 7.62 32.18
N CYS C 20 6.59 7.14 31.32
CA CYS C 20 6.75 5.73 31.04
C CYS C 20 8.24 5.47 31.06
N SER C 21 8.67 4.46 31.82
CA SER C 21 10.08 4.30 32.13
C SER C 21 10.43 2.82 32.23
N GLY C 22 11.68 2.49 31.92
CA GLY C 22 12.16 1.14 32.13
C GLY C 22 13.53 0.90 31.56
N SER C 23 13.77 -0.35 31.16
CA SER C 23 15.10 -0.76 30.72
C SER C 23 15.53 -0.02 29.46
N SER C 24 16.85 0.11 29.31
CA SER C 24 17.43 0.55 28.05
C SER C 24 16.98 -0.32 26.89
N SER C 25 16.80 -1.62 27.14
CA SER C 25 16.43 -2.54 26.08
C SER C 25 15.06 -2.20 25.49
N ASN C 26 14.11 -1.83 26.33
CA ASN C 26 12.78 -1.49 25.84
C ASN C 26 12.73 -0.07 25.28
N ILE C 27 12.97 0.92 26.13
CA ILE C 27 12.82 2.31 25.72
C ILE C 27 14.04 2.77 24.92
N GLY C 28 15.24 2.53 25.43
CA GLY C 28 16.42 3.16 24.85
C GLY C 28 16.66 2.80 23.40
N ASN C 29 16.61 1.50 23.09
CA ASN C 29 17.04 1.07 21.75
C ASN C 29 16.07 1.43 20.64
N ASN C 30 14.78 1.62 20.93
CA ASN C 30 13.79 1.69 19.87
C ASN C 30 12.88 2.90 20.07
N TYR C 31 12.13 3.20 19.00
CA TYR C 31 11.05 4.19 19.04
C TYR C 31 9.93 3.76 19.98
N VAL C 32 9.13 4.74 20.39
CA VAL C 32 7.98 4.53 21.26
C VAL C 32 6.72 5.04 20.57
N SER C 33 5.57 4.50 20.99
CA SER C 33 4.28 4.98 20.51
C SER C 33 3.29 4.99 21.66
N TRP C 34 2.22 5.78 21.51
CA TRP C 34 1.24 6.00 22.57
C TRP C 34 -0.19 5.78 22.10
N TYR C 35 -1.01 5.17 22.96
CA TYR C 35 -2.39 4.84 22.63
C TYR C 35 -3.35 5.36 23.67
N GLN C 36 -4.53 5.77 23.23
CA GLN C 36 -5.63 6.18 24.09
C GLN C 36 -6.76 5.18 23.95
N GLN C 37 -7.36 4.78 25.07
CA GLN C 37 -8.56 3.96 25.08
C GLN C 37 -9.68 4.61 25.88
N LEU C 38 -10.80 4.89 25.22
CA LEU C 38 -12.03 5.28 25.91
C LEU C 38 -12.73 4.05 26.48
N PRO C 39 -13.50 4.20 27.55
CA PRO C 39 -14.16 3.06 28.17
C PRO C 39 -15.20 2.45 27.25
N GLY C 40 -15.01 1.17 26.90
CA GLY C 40 -15.94 0.47 26.05
C GLY C 40 -15.71 0.62 24.57
N THR C 41 -14.53 1.06 24.14
CA THR C 41 -14.26 1.29 22.72
C THR C 41 -12.84 0.85 22.39
N ALA C 42 -12.63 0.49 21.14
CA ALA C 42 -11.33 0.05 20.68
C ALA C 42 -10.27 1.15 20.86
N PRO C 43 -9.03 0.76 21.15
CA PRO C 43 -7.95 1.75 21.26
C PRO C 43 -7.73 2.52 19.97
N LYS C 44 -7.04 3.65 20.09
CA LYS C 44 -6.72 4.52 18.98
C LYS C 44 -5.27 4.95 19.07
N LEU C 45 -4.59 4.99 17.93
CA LEU C 45 -3.21 5.47 17.87
C LEU C 45 -3.18 6.99 18.01
N LEU C 46 -2.28 7.49 18.85
CA LEU C 46 -2.22 8.90 19.17
C LEU C 46 -0.98 9.59 18.62
N ILE C 47 0.20 9.06 18.90
CA ILE C 47 1.46 9.63 18.44
C ILE C 47 2.38 8.47 18.08
N TYR C 48 3.22 8.68 17.08
CA TYR C 48 4.18 7.65 16.68
C TYR C 48 5.54 8.26 16.39
N ASP C 49 6.55 7.39 16.42
CA ASP C 49 7.95 7.75 16.27
C ASP C 49 8.32 8.95 17.13
N ASN C 50 8.02 8.81 18.41
CA ASN C 50 8.30 9.78 19.47
C ASN C 50 7.54 11.09 19.37
N ASN C 51 7.29 11.60 18.15
CA ASN C 51 6.77 12.95 18.03
C ASN C 51 5.69 13.16 16.98
N LYS C 52 5.55 12.30 15.98
CA LYS C 52 4.66 12.59 14.87
C LYS C 52 3.21 12.34 15.27
N ARG C 53 2.33 13.19 14.77
CA ARG C 53 0.89 13.04 14.95
C ARG C 53 0.24 12.62 13.64
N PRO C 54 -0.52 11.52 13.62
CA PRO C 54 -1.34 11.24 12.44
C PRO C 54 -2.39 12.33 12.23
N SER C 55 -3.02 12.28 11.06
CA SER C 55 -4.05 13.25 10.72
C SER C 55 -5.19 13.26 11.72
N GLY C 56 -5.77 14.44 11.93
CA GLY C 56 -6.88 14.63 12.83
C GLY C 56 -6.55 14.74 14.31
N ILE C 57 -5.34 14.41 14.74
CA ILE C 57 -5.02 14.59 16.16
C ILE C 57 -4.90 16.08 16.46
N PRO C 58 -5.59 16.59 17.49
CA PRO C 58 -5.42 17.99 17.89
C PRO C 58 -3.98 18.31 18.26
N ASP C 59 -3.70 19.60 18.38
CA ASP C 59 -2.38 20.10 18.75
C ASP C 59 -2.05 19.92 20.22
N ARG C 60 -3.02 19.62 21.08
CA ARG C 60 -2.77 19.58 22.51
C ARG C 60 -1.83 18.45 22.93
N PHE C 61 -1.44 17.56 22.03
CA PHE C 61 -0.63 16.40 22.36
C PHE C 61 0.79 16.55 21.84
N SER C 62 1.76 16.18 22.67
CA SER C 62 3.17 16.15 22.29
C SER C 62 3.84 14.99 23.01
N GLY C 63 4.95 14.54 22.45
CA GLY C 63 5.69 13.42 22.99
C GLY C 63 7.18 13.69 23.04
N SER C 64 7.84 13.05 23.99
CA SER C 64 9.28 13.22 24.19
C SER C 64 9.91 11.92 24.66
N LYS C 65 11.21 11.82 24.43
CA LYS C 65 12.01 10.69 24.89
C LYS C 65 13.14 11.19 25.77
N SER C 66 13.45 10.41 26.82
CA SER C 66 14.39 10.81 27.88
C SER C 66 15.23 9.58 28.23
N GLY C 67 16.19 9.25 27.37
CA GLY C 67 17.00 8.08 27.57
C GLY C 67 16.18 6.81 27.47
N THR C 68 16.01 6.13 28.61
CA THR C 68 15.16 4.95 28.71
C THR C 68 13.82 5.26 29.36
N SER C 69 13.39 6.52 29.34
CA SER C 69 12.03 6.91 29.68
C SER C 69 11.49 7.89 28.65
N ALA C 70 10.17 8.08 28.68
CA ALA C 70 9.49 8.95 27.72
C ALA C 70 8.26 9.53 28.40
N THR C 71 7.77 10.67 27.88
CA THR C 71 6.68 11.38 28.53
C THR C 71 5.69 11.97 27.53
N LEU C 72 4.45 12.10 27.99
CA LEU C 72 3.36 12.73 27.25
C LEU C 72 2.95 14.05 27.88
N GLY C 73 2.84 15.08 27.05
CA GLY C 73 2.39 16.39 27.48
C GLY C 73 0.97 16.64 26.97
N ILE C 74 0.13 17.11 27.87
CA ILE C 74 -1.26 17.45 27.58
C ILE C 74 -1.44 18.93 27.82
N THR C 75 -2.10 19.61 26.89
CA THR C 75 -2.42 21.02 27.03
C THR C 75 -3.94 21.20 27.05
N GLY C 76 -4.39 22.25 27.74
CA GLY C 76 -5.76 22.70 27.59
C GLY C 76 -6.79 21.73 28.11
N LEU C 77 -6.45 20.95 29.14
CA LEU C 77 -7.23 19.77 29.52
C LEU C 77 -8.73 20.04 29.41
N GLN C 78 -9.43 19.15 28.73
CA GLN C 78 -10.87 19.21 28.57
C GLN C 78 -11.52 17.96 29.16
N THR C 79 -12.74 18.13 29.68
CA THR C 79 -13.36 17.10 30.50
C THR C 79 -13.66 15.82 29.75
N GLY C 80 -13.56 15.81 28.42
CA GLY C 80 -13.75 14.58 27.65
C GLY C 80 -12.63 13.57 27.78
N ASP C 81 -11.48 13.98 28.30
CA ASP C 81 -10.25 13.18 28.28
C ASP C 81 -10.13 12.22 29.47
N GLU C 82 -11.25 11.78 30.01
CA GLU C 82 -11.25 10.67 30.98
C GLU C 82 -10.92 9.33 30.31
N ALA C 83 -9.64 8.99 30.18
CA ALA C 83 -9.27 7.80 29.43
C ALA C 83 -7.97 7.21 29.96
N ASP C 84 -7.70 5.97 29.58
CA ASP C 84 -6.40 5.35 29.81
C ASP C 84 -5.40 5.76 28.73
N TYR C 85 -4.12 5.79 29.10
CA TYR C 85 -3.04 5.95 28.13
C TYR C 85 -1.95 4.91 28.35
N TYR C 86 -1.48 4.29 27.26
CA TYR C 86 -0.46 3.26 27.30
C TYR C 86 0.69 3.57 26.37
N CYS C 87 1.92 3.39 26.85
CA CYS C 87 3.10 3.32 25.99
C CYS C 87 3.28 1.90 25.45
N GLY C 88 3.87 1.81 24.26
CA GLY C 88 4.19 0.51 23.68
C GLY C 88 5.42 0.58 22.80
N THR C 89 6.18 -0.52 22.80
CA THR C 89 7.45 -0.60 22.07
C THR C 89 7.70 -2.04 21.68
N TRP C 90 8.64 -2.24 20.76
CA TRP C 90 9.31 -3.52 20.66
C TRP C 90 10.22 -3.75 21.85
N ASP C 91 10.53 -5.03 22.09
CA ASP C 91 11.63 -5.46 22.94
C ASP C 91 12.77 -6.00 22.10
N SER C 92 13.99 -5.53 22.37
CA SER C 92 15.17 -5.94 21.65
C SER C 92 15.92 -7.12 22.30
N SER C 93 15.36 -7.71 23.35
CA SER C 93 15.88 -8.97 23.88
C SER C 93 15.98 -10.03 22.80
N LEU C 94 16.80 -11.06 23.04
CA LEU C 94 16.75 -12.25 22.20
C LEU C 94 15.37 -12.87 22.22
N SER C 95 14.68 -12.79 23.36
CA SER C 95 13.24 -12.96 23.41
C SER C 95 12.58 -11.71 22.86
N ALA C 96 12.81 -11.43 21.58
CA ALA C 96 12.31 -10.20 20.97
C ALA C 96 10.79 -10.23 20.87
N HIS C 97 10.14 -9.18 21.38
CA HIS C 97 8.69 -9.10 21.40
C HIS C 97 8.27 -7.65 21.61
N TRP C 98 6.99 -7.40 21.36
CA TRP C 98 6.33 -6.15 21.66
C TRP C 98 5.90 -6.11 23.13
N VAL C 99 5.88 -4.91 23.70
CA VAL C 99 5.54 -4.74 25.12
C VAL C 99 4.65 -3.51 25.30
N PHE C 100 3.59 -3.66 26.09
CA PHE C 100 2.73 -2.55 26.49
C PHE C 100 2.98 -2.20 27.95
N GLY C 101 2.96 -0.90 28.25
CA GLY C 101 3.03 -0.45 29.62
C GLY C 101 1.75 -0.70 30.40
N GLY C 102 1.87 -0.51 31.72
CA GLY C 102 0.79 -0.82 32.65
C GLY C 102 -0.44 0.06 32.54
N GLY C 103 -0.38 1.15 31.79
CA GLY C 103 -1.53 2.03 31.68
C GLY C 103 -1.73 2.94 32.87
N THR C 104 -2.31 4.11 32.63
CA THR C 104 -2.60 5.08 33.68
C THR C 104 -3.99 5.65 33.47
N LYS C 105 -4.76 5.78 34.55
CA LYS C 105 -6.03 6.48 34.48
C LYS C 105 -5.77 7.97 34.67
N LEU C 106 -6.34 8.77 33.78
CA LEU C 106 -6.35 10.22 33.89
C LEU C 106 -7.68 10.67 34.46
N THR C 107 -7.66 11.36 35.60
CA THR C 107 -8.86 11.89 36.22
C THR C 107 -8.75 13.41 36.26
N VAL C 108 -9.89 14.08 36.11
CA VAL C 108 -9.92 15.53 36.05
C VAL C 108 -11.03 16.06 36.95
N LEU C 109 -10.71 17.07 37.75
CA LEU C 109 -11.60 17.55 38.79
C LEU C 109 -12.32 18.80 38.33
#